data_6AZA
#
_entry.id   6AZA
#
_entity_poly.entity_id   1
_entity_poly.type   'polypeptide(L)'
_entity_poly.pdbx_seq_one_letter_code
;RCKTCSKGRCRPKPNCG(NH2)
;
_entity_poly.pdbx_strand_id   A
#
loop_
_chem_comp.id
_chem_comp.type
_chem_comp.name
_chem_comp.formula
NH2 non-polymer 'AMINO GROUP' 'H2 N'
#
# COMPACT_ATOMS: atom_id res chain seq x y z
N ARG A 1 -3.15 9.17 -4.33
CA ARG A 1 -3.42 8.66 -2.99
C ARG A 1 -4.03 7.27 -3.05
N CYS A 2 -3.42 6.39 -3.83
CA CYS A 2 -3.91 5.02 -3.97
C CYS A 2 -3.14 4.06 -3.07
N LYS A 3 -1.84 4.32 -2.91
CA LYS A 3 -0.99 3.49 -2.07
C LYS A 3 -1.44 3.55 -0.62
N THR A 4 -1.56 2.38 0.00
CA THR A 4 -1.98 2.29 1.40
C THR A 4 -0.98 1.51 2.23
N CYS A 5 -0.82 1.92 3.49
CA CYS A 5 0.11 1.25 4.39
C CYS A 5 -0.63 0.39 5.41
N SER A 6 -0.32 -0.90 5.42
CA SER A 6 -0.97 -1.83 6.35
C SER A 6 -0.70 -1.44 7.79
N LYS A 7 -1.38 -2.09 8.72
CA LYS A 7 -1.22 -1.81 10.14
C LYS A 7 0.14 -2.28 10.63
N GLY A 8 1.13 -1.40 10.57
CA GLY A 8 2.47 -1.74 11.01
C GLY A 8 3.42 -1.96 9.86
N ARG A 9 2.88 -2.36 8.72
CA ARG A 9 3.70 -2.60 7.53
C ARG A 9 3.37 -1.60 6.43
N CYS A 10 4.35 -1.33 5.57
CA CYS A 10 4.18 -0.38 4.48
C CYS A 10 4.61 -1.00 3.15
N ARG A 11 3.64 -1.27 2.28
CA ARG A 11 3.92 -1.86 0.98
C ARG A 11 3.01 -1.27 -0.09
N PRO A 12 3.41 -1.42 -1.36
CA PRO A 12 2.65 -0.91 -2.50
C PRO A 12 1.35 -1.69 -2.73
N LYS A 13 0.46 -1.12 -3.53
CA LYS A 13 -0.81 -1.76 -3.83
C LYS A 13 -0.65 -2.81 -4.94
N PRO A 14 -1.59 -3.76 -4.99
CA PRO A 14 -1.58 -4.83 -5.99
C PRO A 14 -1.88 -4.32 -7.39
N ASN A 15 -2.80 -3.35 -7.48
CA ASN A 15 -3.19 -2.78 -8.77
C ASN A 15 -2.59 -1.39 -8.93
N CYS A 16 -2.38 -0.69 -7.82
CA CYS A 16 -1.82 0.65 -7.83
C CYS A 16 -0.34 0.62 -7.48
N GLY A 17 0.49 0.19 -8.43
CA GLY A 17 1.92 0.12 -8.21
C GLY A 17 2.61 1.45 -8.46
N NH2 A 18 2.60 2.32 -7.46
HN1 NH2 A 18 2.16 2.07 -6.61
HN2 NH2 A 18 3.03 3.22 -7.54
N ARG A 1 -3.10 8.68 -4.31
CA ARG A 1 -2.46 8.02 -3.18
C ARG A 1 -3.18 6.73 -2.81
N CYS A 2 -3.62 5.99 -3.82
CA CYS A 2 -4.34 4.74 -3.59
C CYS A 2 -3.56 3.82 -2.65
N LYS A 3 -2.23 3.86 -2.77
CA LYS A 3 -1.37 3.03 -1.93
C LYS A 3 -1.61 3.33 -0.45
N THR A 4 -1.76 2.28 0.34
CA THR A 4 -1.99 2.43 1.77
C THR A 4 -1.08 1.51 2.58
N CYS A 5 -0.84 1.88 3.83
CA CYS A 5 0.02 1.08 4.71
C CYS A 5 -0.69 0.76 6.01
N SER A 6 -0.83 -0.53 6.31
CA SER A 6 -1.50 -0.97 7.53
C SER A 6 -0.62 -0.74 8.75
N LYS A 7 -1.18 -0.92 9.93
CA LYS A 7 -0.44 -0.73 11.18
C LYS A 7 0.70 -1.74 11.29
N GLY A 8 1.91 -1.31 10.94
CA GLY A 8 3.06 -2.19 11.01
C GLY A 8 3.54 -2.61 9.63
N ARG A 9 2.64 -2.63 8.67
CA ARG A 9 2.98 -3.04 7.31
C ARG A 9 2.80 -1.87 6.35
N CYS A 10 3.71 -1.75 5.39
CA CYS A 10 3.66 -0.68 4.40
C CYS A 10 4.25 -1.13 3.07
N ARG A 11 3.38 -1.30 2.07
CA ARG A 11 3.80 -1.73 0.75
C ARG A 11 2.84 -1.24 -0.33
N PRO A 12 3.31 -1.22 -1.58
CA PRO A 12 2.51 -0.77 -2.72
C PRO A 12 1.39 -1.74 -3.06
N LYS A 13 0.37 -1.25 -3.75
CA LYS A 13 -0.77 -2.07 -4.13
C LYS A 13 -0.47 -2.85 -5.41
N PRO A 14 -1.20 -3.96 -5.62
CA PRO A 14 -1.03 -4.80 -6.81
C PRO A 14 -1.52 -4.12 -8.08
N ASN A 15 -2.56 -3.32 -7.95
CA ASN A 15 -3.12 -2.61 -9.09
C ASN A 15 -2.47 -1.24 -9.27
N CYS A 16 -2.01 -0.67 -8.16
CA CYS A 16 -1.35 0.63 -8.18
C CYS A 16 0.10 0.51 -8.64
N GLY A 17 0.35 0.82 -9.91
CA GLY A 17 1.70 0.74 -10.44
C GLY A 17 2.42 2.07 -10.41
N NH2 A 18 2.69 2.55 -9.20
HN1 NH2 A 18 2.42 2.05 -8.41
HN2 NH2 A 18 3.16 3.43 -9.09
N ARG A 1 -7.26 2.27 -6.18
CA ARG A 1 -7.03 3.32 -5.20
C ARG A 1 -5.75 3.07 -4.42
N CYS A 2 -4.87 4.07 -4.39
CA CYS A 2 -3.60 3.95 -3.68
C CYS A 2 -3.77 4.34 -2.21
N LYS A 3 -4.44 3.49 -1.45
CA LYS A 3 -4.66 3.74 -0.03
C LYS A 3 -3.35 3.76 0.73
N THR A 4 -3.37 4.32 1.93
CA THR A 4 -2.17 4.38 2.77
C THR A 4 -1.82 3.02 3.34
N CYS A 5 -0.54 2.82 3.63
CA CYS A 5 -0.07 1.55 4.17
C CYS A 5 -0.71 1.27 5.52
N SER A 6 -0.65 0.01 5.95
CA SER A 6 -1.25 -0.39 7.22
C SER A 6 -0.28 -0.13 8.37
N LYS A 7 -0.77 -0.26 9.60
CA LYS A 7 0.04 -0.04 10.79
C LYS A 7 1.07 -1.16 10.96
N GLY A 8 2.31 -0.89 10.60
CA GLY A 8 3.36 -1.88 10.73
C GLY A 8 3.63 -2.60 9.42
N ARG A 9 2.61 -2.69 8.58
CA ARG A 9 2.74 -3.36 7.29
C ARG A 9 2.59 -2.37 6.14
N CYS A 10 3.61 -2.29 5.29
CA CYS A 10 3.59 -1.39 4.14
C CYS A 10 4.22 -2.04 2.93
N ARG A 11 3.41 -2.36 1.93
CA ARG A 11 3.89 -2.99 0.70
C ARG A 11 3.19 -2.39 -0.52
N PRO A 12 3.82 -2.58 -1.69
CA PRO A 12 3.27 -2.07 -2.96
C PRO A 12 2.02 -2.82 -3.39
N LYS A 13 1.08 -2.08 -3.97
CA LYS A 13 -0.18 -2.68 -4.44
C LYS A 13 -0.01 -3.31 -5.81
N PRO A 14 -0.89 -4.25 -6.15
CA PRO A 14 -0.86 -4.94 -7.44
C PRO A 14 -1.25 -4.04 -8.60
N ASN A 15 -2.16 -3.10 -8.33
CA ASN A 15 -2.62 -2.17 -9.36
C ASN A 15 -1.91 -0.81 -9.21
N CYS A 16 -1.53 -0.49 -7.99
CA CYS A 16 -0.84 0.77 -7.71
C CYS A 16 0.59 0.53 -7.25
N GLY A 17 1.54 1.15 -7.95
CA GLY A 17 2.95 0.99 -7.60
C GLY A 17 3.81 2.11 -8.14
N NH2 A 18 4.84 1.74 -8.90
HN1 NH2 A 18 5.00 0.79 -9.07
HN2 NH2 A 18 5.46 2.42 -9.29
N ARG A 1 0.35 8.50 -2.45
CA ARG A 1 0.17 7.05 -2.45
C ARG A 1 -1.21 6.68 -3.00
N CYS A 2 -1.41 5.40 -3.28
CA CYS A 2 -2.68 4.92 -3.81
C CYS A 2 -3.64 4.56 -2.69
N LYS A 3 -3.30 3.52 -1.94
CA LYS A 3 -4.13 3.07 -0.82
C LYS A 3 -3.37 3.18 0.50
N THR A 4 -4.11 3.33 1.58
CA THR A 4 -3.51 3.44 2.91
C THR A 4 -2.82 2.14 3.31
N CYS A 5 -1.79 2.25 4.14
CA CYS A 5 -1.06 1.07 4.60
C CYS A 5 -1.41 0.75 6.06
N SER A 6 -0.95 -0.40 6.52
CA SER A 6 -1.21 -0.84 7.89
C SER A 6 -0.13 -0.33 8.84
N LYS A 7 -0.42 -0.37 10.14
CA LYS A 7 0.53 0.08 11.15
C LYS A 7 1.73 -0.86 11.23
N GLY A 8 2.83 -0.45 10.61
CA GLY A 8 4.03 -1.26 10.62
C GLY A 8 4.20 -2.07 9.34
N ARG A 9 3.09 -2.38 8.69
CA ARG A 9 3.12 -3.15 7.46
C ARG A 9 2.64 -2.31 6.28
N CYS A 10 3.50 -2.14 5.28
CA CYS A 10 3.18 -1.36 4.10
C CYS A 10 3.83 -1.95 2.85
N ARG A 11 3.01 -2.42 1.92
CA ARG A 11 3.51 -3.01 0.69
C ARG A 11 2.88 -2.35 -0.53
N PRO A 12 3.53 -2.50 -1.69
CA PRO A 12 3.04 -1.92 -2.95
C PRO A 12 1.76 -2.61 -3.45
N LYS A 13 0.87 -1.82 -4.03
CA LYS A 13 -0.39 -2.34 -4.55
C LYS A 13 -0.15 -3.12 -5.85
N PRO A 14 -1.10 -4.01 -6.18
CA PRO A 14 -1.01 -4.83 -7.40
C PRO A 14 -1.22 -4.00 -8.66
N ASN A 15 -2.09 -3.01 -8.58
CA ASN A 15 -2.37 -2.14 -9.72
C ASN A 15 -1.65 -0.80 -9.58
N CYS A 16 -1.42 -0.39 -8.34
CA CYS A 16 -0.74 0.87 -8.07
C CYS A 16 0.70 0.63 -7.64
N GLY A 17 1.65 1.19 -8.39
CA GLY A 17 3.04 1.03 -8.07
C GLY A 17 3.88 0.65 -9.27
N NH2 A 18 5.02 1.29 -9.44
HN1 NH2 A 18 5.29 1.98 -8.78
HN2 NH2 A 18 5.63 1.10 -10.21
N ARG A 1 -1.19 8.62 -4.03
CA ARG A 1 -0.81 7.67 -5.07
C ARG A 1 -1.52 6.34 -4.89
N CYS A 2 -1.35 5.75 -3.71
CA CYS A 2 -1.98 4.47 -3.41
C CYS A 2 -2.77 4.54 -2.11
N LYS A 3 -3.52 3.48 -1.82
CA LYS A 3 -4.32 3.42 -0.60
C LYS A 3 -3.43 3.31 0.63
N THR A 4 -3.90 3.89 1.74
CA THR A 4 -3.14 3.85 2.99
C THR A 4 -2.78 2.42 3.37
N CYS A 5 -1.71 2.29 4.15
CA CYS A 5 -1.25 0.97 4.59
C CYS A 5 -1.52 0.76 6.07
N SER A 6 -1.30 -0.45 6.55
CA SER A 6 -1.53 -0.79 7.94
C SER A 6 -0.34 -0.37 8.81
N LYS A 7 -0.54 -0.37 10.12
CA LYS A 7 0.50 0.01 11.06
C LYS A 7 1.60 -1.05 11.10
N GLY A 8 2.78 -0.68 10.63
CA GLY A 8 3.90 -1.62 10.63
C GLY A 8 4.03 -2.37 9.32
N ARG A 9 2.92 -2.53 8.62
CA ARG A 9 2.90 -3.24 7.34
C ARG A 9 2.53 -2.29 6.20
N CYS A 10 3.49 -2.04 5.33
CA CYS A 10 3.26 -1.16 4.19
C CYS A 10 4.00 -1.66 2.95
N ARG A 11 3.24 -1.99 1.90
CA ARG A 11 3.82 -2.48 0.66
C ARG A 11 3.03 -2.00 -0.54
N PRO A 12 3.65 -2.04 -1.72
CA PRO A 12 3.02 -1.60 -2.97
C PRO A 12 1.91 -2.55 -3.43
N LYS A 13 0.84 -1.99 -3.98
CA LYS A 13 -0.28 -2.79 -4.46
C LYS A 13 0.00 -3.33 -5.85
N PRO A 14 -0.72 -4.42 -6.20
CA PRO A 14 -0.56 -5.07 -7.51
C PRO A 14 -1.11 -4.22 -8.65
N ASN A 15 -2.19 -3.48 -8.36
CA ASN A 15 -2.82 -2.63 -9.36
C ASN A 15 -2.23 -1.22 -9.32
N CYS A 16 -1.75 -0.82 -8.14
CA CYS A 16 -1.16 0.50 -7.96
C CYS A 16 0.31 0.50 -8.36
N GLY A 17 1.11 -0.28 -7.64
CA GLY A 17 2.53 -0.36 -7.93
C GLY A 17 2.94 -1.71 -8.47
N NH2 A 18 2.35 -2.11 -9.59
HN1 NH2 A 18 1.69 -1.52 -10.02
HN2 NH2 A 18 2.55 -3.00 -10.02
N ARG A 1 -0.12 8.53 -4.89
CA ARG A 1 -1.08 8.75 -3.82
C ARG A 1 -1.99 7.53 -3.64
N CYS A 2 -1.36 6.37 -3.50
CA CYS A 2 -2.10 5.12 -3.32
C CYS A 2 -2.74 5.06 -1.94
N LYS A 3 -3.68 4.14 -1.78
CA LYS A 3 -4.38 3.98 -0.50
C LYS A 3 -3.39 3.83 0.65
N THR A 4 -3.85 4.13 1.86
CA THR A 4 -3.01 4.03 3.05
C THR A 4 -2.68 2.58 3.37
N CYS A 5 -1.58 2.37 4.09
CA CYS A 5 -1.16 1.03 4.47
C CYS A 5 -1.51 0.74 5.93
N SER A 6 -1.27 -0.50 6.35
CA SER A 6 -1.57 -0.90 7.71
C SER A 6 -0.45 -0.49 8.67
N LYS A 7 -0.70 -0.62 9.97
CA LYS A 7 0.29 -0.27 10.97
C LYS A 7 1.41 -1.30 11.03
N GLY A 8 2.60 -0.89 10.62
CA GLY A 8 3.74 -1.80 10.64
C GLY A 8 3.95 -2.49 9.30
N ARG A 9 2.87 -2.65 8.55
CA ARG A 9 2.93 -3.29 7.24
C ARG A 9 2.58 -2.31 6.13
N CYS A 10 3.57 -2.00 5.30
CA CYS A 10 3.38 -1.07 4.19
C CYS A 10 4.13 -1.54 2.95
N ARG A 11 3.38 -1.82 1.89
CA ARG A 11 3.97 -2.29 0.64
C ARG A 11 3.11 -1.89 -0.55
N PRO A 12 3.72 -1.88 -1.75
CA PRO A 12 3.02 -1.52 -2.99
C PRO A 12 1.99 -2.56 -3.40
N LYS A 13 0.87 -2.10 -3.94
CA LYS A 13 -0.20 -2.99 -4.38
C LYS A 13 0.09 -3.53 -5.78
N PRO A 14 -0.53 -4.68 -6.11
CA PRO A 14 -0.36 -5.31 -7.41
C PRO A 14 -1.00 -4.52 -8.54
N ASN A 15 -2.12 -3.86 -8.23
CA ASN A 15 -2.83 -3.07 -9.22
C ASN A 15 -2.34 -1.63 -9.22
N CYS A 16 -1.86 -1.17 -8.06
CA CYS A 16 -1.35 0.19 -7.93
C CYS A 16 0.04 0.31 -8.52
N GLY A 17 0.96 -0.53 -8.04
CA GLY A 17 2.31 -0.50 -8.54
C GLY A 17 2.85 -1.88 -8.87
N NH2 A 18 2.29 -2.49 -9.90
HN1 NH2 A 18 1.56 -2.04 -10.40
HN2 NH2 A 18 2.57 -3.41 -10.19
N ARG A 1 -3.74 8.88 -6.01
CA ARG A 1 -3.68 8.74 -4.55
C ARG A 1 -4.29 7.41 -4.12
N CYS A 2 -3.63 6.32 -4.46
CA CYS A 2 -4.10 4.98 -4.11
C CYS A 2 -3.05 4.22 -3.30
N LYS A 3 -2.46 4.91 -2.33
CA LYS A 3 -1.43 4.30 -1.48
C LYS A 3 -2.03 3.88 -0.13
N THR A 4 -1.89 2.61 0.19
CA THR A 4 -2.40 2.08 1.45
C THR A 4 -1.27 1.81 2.44
N CYS A 5 -1.60 1.85 3.72
CA CYS A 5 -0.61 1.61 4.77
C CYS A 5 -1.26 0.97 6.00
N SER A 6 -0.70 -0.14 6.44
CA SER A 6 -1.23 -0.86 7.60
C SER A 6 -0.32 -0.66 8.82
N LYS A 7 -0.82 -1.07 9.98
CA LYS A 7 -0.06 -0.92 11.22
C LYS A 7 1.15 -1.86 11.22
N GLY A 8 2.31 -1.32 10.88
CA GLY A 8 3.52 -2.11 10.86
C GLY A 8 3.83 -2.65 9.47
N ARG A 9 2.79 -2.84 8.66
CA ARG A 9 2.95 -3.36 7.31
C ARG A 9 2.54 -2.32 6.28
N CYS A 10 3.51 -1.84 5.51
CA CYS A 10 3.26 -0.84 4.48
C CYS A 10 3.96 -1.21 3.18
N ARG A 11 3.18 -1.56 2.16
CA ARG A 11 3.73 -1.93 0.86
C ARG A 11 2.80 -1.49 -0.26
N PRO A 12 3.34 -1.41 -1.48
CA PRO A 12 2.58 -1.00 -2.67
C PRO A 12 1.56 -2.06 -3.10
N LYS A 13 0.41 -1.60 -3.55
CA LYS A 13 -0.65 -2.51 -3.99
C LYS A 13 -0.33 -3.08 -5.38
N PRO A 14 -0.94 -4.24 -5.69
CA PRO A 14 -0.75 -4.90 -6.98
C PRO A 14 -1.39 -4.13 -8.14
N ASN A 15 -2.53 -3.52 -7.87
CA ASN A 15 -3.23 -2.75 -8.89
C ASN A 15 -2.61 -1.37 -9.07
N CYS A 16 -2.00 -0.86 -8.01
CA CYS A 16 -1.36 0.44 -8.04
C CYS A 16 0.15 0.32 -7.85
N GLY A 17 0.85 0.02 -8.95
CA GLY A 17 2.29 -0.13 -8.90
C GLY A 17 3.01 1.03 -9.55
N NH2 A 18 4.08 1.50 -8.91
HN1 NH2 A 18 4.36 1.08 -8.07
HN2 NH2 A 18 4.63 2.26 -9.27
N ARG A 1 -3.67 9.99 -3.65
CA ARG A 1 -3.98 9.16 -4.81
C ARG A 1 -3.44 7.74 -4.62
N CYS A 2 -4.32 6.83 -4.22
CA CYS A 2 -3.95 5.44 -4.00
C CYS A 2 -2.89 5.33 -2.90
N LYS A 3 -3.26 5.76 -1.70
CA LYS A 3 -2.35 5.71 -0.56
C LYS A 3 -2.86 4.73 0.51
N THR A 4 -2.11 3.67 0.74
CA THR A 4 -2.49 2.67 1.73
C THR A 4 -1.31 2.30 2.62
N CYS A 5 -1.58 2.10 3.90
CA CYS A 5 -0.54 1.74 4.86
C CYS A 5 -1.14 1.24 6.16
N SER A 6 -0.74 0.05 6.58
CA SER A 6 -1.26 -0.55 7.81
C SER A 6 -0.21 -0.47 8.92
N LYS A 7 -0.64 -0.77 10.14
CA LYS A 7 0.25 -0.73 11.29
C LYS A 7 1.30 -1.84 11.21
N GLY A 8 2.50 -1.48 10.75
CA GLY A 8 3.57 -2.45 10.63
C GLY A 8 3.69 -3.02 9.23
N ARG A 9 2.57 -3.03 8.50
CA ARG A 9 2.55 -3.55 7.14
C ARG A 9 2.32 -2.42 6.14
N CYS A 10 3.32 -2.17 5.30
CA CYS A 10 3.22 -1.12 4.30
C CYS A 10 3.96 -1.52 3.01
N ARG A 11 3.20 -1.77 1.95
CA ARG A 11 3.77 -2.17 0.68
C ARG A 11 2.88 -1.74 -0.48
N PRO A 12 3.46 -1.68 -1.68
CA PRO A 12 2.73 -1.28 -2.89
C PRO A 12 1.73 -2.34 -3.33
N LYS A 13 0.58 -1.88 -3.83
CA LYS A 13 -0.47 -2.78 -4.29
C LYS A 13 -0.08 -3.47 -5.59
N PRO A 14 -0.70 -4.62 -5.87
CA PRO A 14 -0.43 -5.40 -7.08
C PRO A 14 -0.94 -4.71 -8.33
N ASN A 15 -2.12 -4.10 -8.24
CA ASN A 15 -2.71 -3.40 -9.37
C ASN A 15 -2.31 -1.93 -9.38
N CYS A 16 -2.05 -1.40 -8.19
CA CYS A 16 -1.66 0.01 -8.06
C CYS A 16 -0.22 0.11 -7.57
N GLY A 17 0.73 0.15 -8.51
CA GLY A 17 2.13 0.26 -8.16
C GLY A 17 2.70 1.63 -8.45
N NH2 A 18 3.47 1.72 -9.54
HN1 NH2 A 18 3.63 0.92 -10.09
HN2 NH2 A 18 3.89 2.59 -9.80
N ARG A 1 -2.42 9.89 -4.78
CA ARG A 1 -2.24 9.08 -3.58
C ARG A 1 -3.07 7.80 -3.66
N CYS A 2 -2.44 6.67 -3.37
CA CYS A 2 -3.11 5.38 -3.42
C CYS A 2 -3.59 4.97 -2.04
N LYS A 3 -4.21 3.79 -1.96
CA LYS A 3 -4.72 3.28 -0.69
C LYS A 3 -3.63 3.29 0.38
N THR A 4 -4.03 3.51 1.63
CA THR A 4 -3.09 3.55 2.74
C THR A 4 -2.77 2.14 3.24
N CYS A 5 -1.62 1.98 3.87
CA CYS A 5 -1.20 0.69 4.40
C CYS A 5 -1.37 0.64 5.91
N SER A 6 -1.43 -0.56 6.46
CA SER A 6 -1.59 -0.75 7.90
C SER A 6 -0.39 -0.20 8.66
N LYS A 7 -0.52 -0.11 9.98
CA LYS A 7 0.56 0.38 10.82
C LYS A 7 1.66 -0.66 10.97
N GLY A 8 2.86 -0.34 10.48
CA GLY A 8 3.97 -1.25 10.57
C GLY A 8 4.12 -2.13 9.33
N ARG A 9 3.00 -2.36 8.64
CA ARG A 9 3.00 -3.18 7.44
C ARG A 9 2.64 -2.34 6.21
N CYS A 10 3.60 -2.17 5.32
CA CYS A 10 3.38 -1.39 4.10
C CYS A 10 4.05 -2.06 2.91
N ARG A 11 3.25 -2.38 1.89
CA ARG A 11 3.76 -3.03 0.69
C ARG A 11 3.10 -2.44 -0.56
N PRO A 12 3.75 -2.64 -1.72
CA PRO A 12 3.25 -2.15 -3.00
C PRO A 12 1.99 -2.88 -3.46
N LYS A 13 1.08 -2.14 -4.08
CA LYS A 13 -0.17 -2.73 -4.56
C LYS A 13 0.03 -3.37 -5.93
N PRO A 14 -0.86 -4.31 -6.28
CA PRO A 14 -0.80 -5.02 -7.56
C PRO A 14 -1.15 -4.11 -8.74
N ASN A 15 -2.05 -3.17 -8.50
CA ASN A 15 -2.47 -2.24 -9.54
C ASN A 15 -1.76 -0.90 -9.40
N CYS A 16 -1.39 -0.56 -8.17
CA CYS A 16 -0.71 0.69 -7.88
C CYS A 16 0.72 0.44 -7.42
N GLY A 17 1.66 0.44 -8.36
CA GLY A 17 3.05 0.21 -8.03
C GLY A 17 3.77 1.47 -7.62
N NH2 A 18 4.45 2.11 -8.57
HN1 NH2 A 18 4.46 1.73 -9.48
HN2 NH2 A 18 4.95 2.95 -8.38
N ARG A 1 -4.94 7.14 -7.85
CA ARG A 1 -4.81 7.11 -6.40
C ARG A 1 -4.34 5.75 -5.92
N CYS A 2 -4.21 5.60 -4.60
CA CYS A 2 -3.77 4.34 -4.02
C CYS A 2 -4.21 4.23 -2.56
N LYS A 3 -4.19 3.01 -2.04
CA LYS A 3 -4.60 2.77 -0.66
C LYS A 3 -3.46 3.08 0.30
N THR A 4 -3.80 3.29 1.57
CA THR A 4 -2.80 3.60 2.60
C THR A 4 -2.25 2.32 3.23
N CYS A 5 -1.03 2.40 3.73
CA CYS A 5 -0.39 1.26 4.36
C CYS A 5 -0.91 1.05 5.78
N SER A 6 -0.69 -0.14 6.32
CA SER A 6 -1.14 -0.46 7.67
C SER A 6 -0.07 -0.13 8.70
N LYS A 7 -0.44 -0.19 9.97
CA LYS A 7 0.49 0.12 11.06
C LYS A 7 1.55 -0.97 11.18
N GLY A 8 2.77 -0.67 10.73
CA GLY A 8 3.84 -1.63 10.80
C GLY A 8 3.99 -2.43 9.52
N ARG A 9 2.89 -2.59 8.79
CA ARG A 9 2.91 -3.34 7.55
C ARG A 9 2.59 -2.44 6.36
N CYS A 10 3.57 -2.26 5.48
CA CYS A 10 3.40 -1.42 4.30
C CYS A 10 4.01 -2.07 3.07
N ARG A 11 3.15 -2.46 2.13
CA ARG A 11 3.60 -3.11 0.91
C ARG A 11 2.99 -2.43 -0.31
N PRO A 12 3.61 -2.65 -1.49
CA PRO A 12 3.14 -2.08 -2.75
C PRO A 12 1.83 -2.71 -3.21
N LYS A 13 0.96 -1.88 -3.80
CA LYS A 13 -0.32 -2.35 -4.29
C LYS A 13 -0.18 -2.98 -5.68
N PRO A 14 -1.14 -3.84 -6.04
CA PRO A 14 -1.15 -4.52 -7.34
C PRO A 14 -1.42 -3.57 -8.50
N ASN A 15 -2.27 -2.58 -8.25
CA ASN A 15 -2.62 -1.59 -9.26
C ASN A 15 -1.61 -0.45 -9.30
N CYS A 16 -0.99 -0.19 -8.15
CA CYS A 16 -0.01 0.88 -8.04
C CYS A 16 1.40 0.34 -8.25
N GLY A 17 2.38 1.23 -8.25
CA GLY A 17 3.76 0.84 -8.44
C GLY A 17 4.55 1.82 -9.27
N NH2 A 18 5.87 1.75 -9.17
HN1 NH2 A 18 6.27 1.08 -8.59
HN2 NH2 A 18 6.46 2.38 -9.69
N ARG A 1 -2.26 9.18 -3.54
CA ARG A 1 -2.44 8.58 -4.85
C ARG A 1 -3.28 7.30 -4.75
N CYS A 2 -3.04 6.52 -3.71
CA CYS A 2 -3.76 5.28 -3.50
C CYS A 2 -4.04 5.05 -2.01
N LYS A 3 -4.72 3.95 -1.70
CA LYS A 3 -5.04 3.62 -0.32
C LYS A 3 -3.79 3.63 0.55
N THR A 4 -3.99 3.70 1.87
CA THR A 4 -2.87 3.73 2.80
C THR A 4 -2.62 2.35 3.39
N CYS A 5 -1.37 2.10 3.79
CA CYS A 5 -1.00 0.81 4.37
C CYS A 5 -1.25 0.80 5.87
N SER A 6 -1.16 -0.38 6.47
CA SER A 6 -1.38 -0.53 7.90
C SER A 6 -0.18 -0.01 8.69
N LYS A 7 -0.35 0.10 10.01
CA LYS A 7 0.72 0.59 10.88
C LYS A 7 1.79 -0.48 11.07
N GLY A 8 2.94 -0.27 10.45
CA GLY A 8 4.03 -1.21 10.57
C GLY A 8 4.11 -2.16 9.39
N ARG A 9 2.96 -2.41 8.77
CA ARG A 9 2.89 -3.32 7.62
C ARG A 9 2.52 -2.56 6.35
N CYS A 10 3.45 -2.51 5.41
CA CYS A 10 3.23 -1.82 4.14
C CYS A 10 3.87 -2.58 2.98
N ARG A 11 3.17 -2.63 1.85
CA ARG A 11 3.67 -3.31 0.68
C ARG A 11 3.11 -2.69 -0.60
N PRO A 12 3.79 -2.95 -1.73
CA PRO A 12 3.37 -2.43 -3.04
C PRO A 12 2.09 -3.06 -3.54
N LYS A 13 1.24 -2.26 -4.19
CA LYS A 13 -0.02 -2.76 -4.72
C LYS A 13 0.18 -3.45 -6.07
N PRO A 14 -0.77 -4.32 -6.44
CA PRO A 14 -0.70 -5.06 -7.70
C PRO A 14 -0.93 -4.16 -8.91
N ASN A 15 -1.86 -3.23 -8.79
CA ASN A 15 -2.17 -2.30 -9.87
C ASN A 15 -1.60 -0.91 -9.58
N CYS A 16 -1.48 -0.59 -8.30
CA CYS A 16 -0.94 0.70 -7.89
C CYS A 16 0.47 0.56 -7.36
N GLY A 17 1.36 -0.01 -8.17
CA GLY A 17 2.74 -0.19 -7.77
C GLY A 17 3.59 1.02 -8.08
N NH2 A 18 3.39 1.62 -9.24
HN1 NH2 A 18 2.70 1.25 -9.84
HN2 NH2 A 18 3.92 2.42 -9.53
N ARG A 1 1.75 4.19 -0.77
CA ARG A 1 2.01 4.99 -1.96
C ARG A 1 0.71 5.48 -2.59
N CYS A 2 -0.23 4.56 -2.77
CA CYS A 2 -1.52 4.91 -3.36
C CYS A 2 -2.60 5.04 -2.28
N LYS A 3 -2.87 3.94 -1.59
CA LYS A 3 -3.87 3.92 -0.53
C LYS A 3 -3.23 3.66 0.83
N THR A 4 -3.91 4.06 1.90
CA THR A 4 -3.40 3.86 3.24
C THR A 4 -3.05 2.40 3.49
N CYS A 5 -2.07 2.17 4.35
CA CYS A 5 -1.64 0.82 4.68
C CYS A 5 -1.75 0.55 6.17
N SER A 6 -1.61 -0.71 6.57
CA SER A 6 -1.70 -1.09 7.97
C SER A 6 -0.53 -0.52 8.77
N LYS A 7 -0.62 -0.64 10.08
CA LYS A 7 0.43 -0.14 10.97
C LYS A 7 1.61 -1.10 11.00
N GLY A 8 2.77 -0.62 10.53
CA GLY A 8 3.96 -1.45 10.52
C GLY A 8 4.15 -2.17 9.19
N ARG A 9 3.05 -2.43 8.50
CA ARG A 9 3.10 -3.12 7.22
C ARG A 9 2.64 -2.21 6.09
N CYS A 10 3.55 -1.92 5.17
CA CYS A 10 3.25 -1.04 4.04
C CYS A 10 3.99 -1.50 2.79
N ARG A 11 3.23 -1.86 1.76
CA ARG A 11 3.81 -2.31 0.50
C ARG A 11 2.97 -1.86 -0.69
N PRO A 12 3.58 -1.87 -1.89
CA PRO A 12 2.91 -1.46 -3.12
C PRO A 12 1.85 -2.47 -3.56
N LYS A 13 0.75 -1.96 -4.09
CA LYS A 13 -0.35 -2.81 -4.55
C LYS A 13 -0.03 -3.40 -5.92
N PRO A 14 -0.70 -4.52 -6.25
CA PRO A 14 -0.51 -5.20 -7.54
C PRO A 14 -1.09 -4.40 -8.71
N ASN A 15 -2.19 -3.71 -8.46
CA ASN A 15 -2.84 -2.91 -9.49
C ASN A 15 -2.28 -1.49 -9.50
N CYS A 16 -1.82 -1.03 -8.34
CA CYS A 16 -1.27 0.31 -8.22
C CYS A 16 0.23 0.25 -7.96
N GLY A 17 0.98 -0.25 -8.94
CA GLY A 17 2.42 -0.35 -8.80
C GLY A 17 3.14 -0.46 -10.13
N NH2 A 18 3.78 -1.60 -10.37
HN1 NH2 A 18 3.76 -2.30 -9.69
HN2 NH2 A 18 4.27 -1.75 -11.22
N ARG A 1 -5.35 9.44 -3.61
CA ARG A 1 -4.12 8.70 -3.39
C ARG A 1 -4.39 7.19 -3.38
N CYS A 2 -3.52 6.44 -4.05
CA CYS A 2 -3.66 4.98 -4.13
C CYS A 2 -2.60 4.29 -3.28
N LYS A 3 -2.44 4.76 -2.04
CA LYS A 3 -1.46 4.17 -1.12
C LYS A 3 -2.13 3.69 0.15
N THR A 4 -1.99 2.40 0.44
CA THR A 4 -2.58 1.82 1.63
C THR A 4 -1.56 0.99 2.41
N CYS A 5 -1.32 1.38 3.66
CA CYS A 5 -0.36 0.70 4.50
C CYS A 5 -0.97 0.38 5.87
N SER A 6 -0.99 -0.90 6.23
CA SER A 6 -1.54 -1.33 7.52
C SER A 6 -0.66 -0.85 8.67
N LYS A 7 -1.17 -1.01 9.89
CA LYS A 7 -0.43 -0.61 11.08
C LYS A 7 0.83 -1.44 11.25
N GLY A 8 1.97 -0.88 10.88
CA GLY A 8 3.23 -1.59 11.00
C GLY A 8 3.74 -2.11 9.67
N ARG A 9 2.81 -2.38 8.75
CA ARG A 9 3.16 -2.88 7.43
C ARG A 9 2.83 -1.86 6.35
N CYS A 10 3.75 -1.70 5.40
CA CYS A 10 3.56 -0.75 4.30
C CYS A 10 4.22 -1.25 3.03
N ARG A 11 3.41 -1.47 1.99
CA ARG A 11 3.92 -1.96 0.71
C ARG A 11 3.02 -1.51 -0.44
N PRO A 12 3.57 -1.53 -1.66
CA PRO A 12 2.83 -1.13 -2.86
C PRO A 12 1.74 -2.13 -3.22
N LYS A 13 0.62 -1.61 -3.71
CA LYS A 13 -0.51 -2.45 -4.10
C LYS A 13 -0.31 -3.01 -5.51
N PRO A 14 -1.00 -4.12 -5.81
CA PRO A 14 -0.91 -4.77 -7.12
C PRO A 14 -1.57 -3.95 -8.22
N ASN A 15 -2.71 -3.34 -7.89
CA ASN A 15 -3.45 -2.53 -8.86
C ASN A 15 -2.75 -1.20 -9.09
N CYS A 16 -2.03 -0.74 -8.07
CA CYS A 16 -1.31 0.53 -8.16
C CYS A 16 -0.07 0.52 -7.27
N GLY A 17 1.07 0.90 -7.84
CA GLY A 17 2.31 0.92 -7.08
C GLY A 17 3.22 -0.24 -7.43
N NH2 A 18 4.53 0.01 -7.41
HN1 NH2 A 18 4.84 0.90 -7.19
HN2 NH2 A 18 5.20 -0.70 -7.63
N ARG A 1 -8.63 2.07 -5.38
CA ARG A 1 -7.96 3.18 -4.74
C ARG A 1 -6.60 2.75 -4.17
N CYS A 2 -5.65 3.67 -4.16
CA CYS A 2 -4.31 3.39 -3.64
C CYS A 2 -4.18 3.85 -2.19
N LYS A 3 -4.92 3.19 -1.30
CA LYS A 3 -4.89 3.52 0.12
C LYS A 3 -3.45 3.54 0.64
N THR A 4 -3.26 4.12 1.82
CA THR A 4 -1.94 4.20 2.43
C THR A 4 -1.60 2.92 3.17
N CYS A 5 -0.31 2.67 3.35
CA CYS A 5 0.15 1.47 4.05
C CYS A 5 -0.53 1.34 5.41
N SER A 6 -0.48 0.14 5.98
CA SER A 6 -1.09 -0.13 7.28
C SER A 6 -0.08 0.06 8.41
N LYS A 7 -0.57 0.05 9.63
CA LYS A 7 0.28 0.21 10.81
C LYS A 7 1.18 -1.00 10.99
N GLY A 8 2.46 -0.84 10.67
CA GLY A 8 3.41 -1.94 10.81
C GLY A 8 3.57 -2.72 9.53
N ARG A 9 2.54 -2.73 8.70
CA ARG A 9 2.57 -3.45 7.43
C ARG A 9 2.48 -2.49 6.25
N CYS A 10 3.56 -2.41 5.48
CA CYS A 10 3.61 -1.53 4.32
C CYS A 10 4.17 -2.26 3.10
N ARG A 11 3.38 -2.34 2.04
CA ARG A 11 3.80 -3.01 0.82
C ARG A 11 3.15 -2.37 -0.40
N PRO A 12 3.75 -2.61 -1.59
CA PRO A 12 3.23 -2.06 -2.85
C PRO A 12 1.92 -2.71 -3.27
N LYS A 13 1.03 -1.91 -3.85
CA LYS A 13 -0.27 -2.39 -4.30
C LYS A 13 -0.16 -3.04 -5.67
N PRO A 14 -1.12 -3.92 -6.00
CA PRO A 14 -1.15 -4.62 -7.29
C PRO A 14 -1.47 -3.69 -8.44
N ASN A 15 -2.30 -2.68 -8.18
CA ASN A 15 -2.68 -1.72 -9.20
C ASN A 15 -1.71 -0.54 -9.24
N CYS A 16 -1.11 -0.24 -8.09
CA CYS A 16 -0.17 0.86 -7.98
C CYS A 16 1.26 0.38 -8.28
N GLY A 17 1.94 1.11 -9.16
CA GLY A 17 3.30 0.74 -9.52
C GLY A 17 3.40 0.13 -10.91
N NH2 A 18 4.54 0.30 -11.55
HN1 NH2 A 18 5.27 0.80 -11.12
HN2 NH2 A 18 4.69 -0.07 -12.47
N ARG A 1 -4.34 9.55 -2.95
CA ARG A 1 -3.31 8.59 -3.32
C ARG A 1 -3.89 7.18 -3.43
N CYS A 2 -3.06 6.24 -3.87
CA CYS A 2 -3.50 4.86 -4.02
C CYS A 2 -2.56 3.90 -3.27
N LYS A 3 -2.09 4.35 -2.11
CA LYS A 3 -1.20 3.54 -1.30
C LYS A 3 -1.78 3.31 0.10
N THR A 4 -2.07 2.05 0.40
CA THR A 4 -2.64 1.70 1.70
C THR A 4 -1.64 0.90 2.53
N CYS A 5 -1.25 1.46 3.67
CA CYS A 5 -0.29 0.80 4.56
C CYS A 5 -0.96 0.45 5.89
N SER A 6 -0.94 -0.83 6.24
CA SER A 6 -1.54 -1.29 7.49
C SER A 6 -0.67 -0.89 8.68
N LYS A 7 -1.22 -1.07 9.88
CA LYS A 7 -0.49 -0.74 11.11
C LYS A 7 0.76 -1.59 11.26
N GLY A 8 1.90 -1.02 10.89
CA GLY A 8 3.16 -1.75 10.99
C GLY A 8 3.70 -2.19 9.64
N ARG A 9 2.79 -2.39 8.68
CA ARG A 9 3.17 -2.80 7.34
C ARG A 9 2.84 -1.72 6.32
N CYS A 10 3.74 -1.53 5.36
CA CYS A 10 3.55 -0.53 4.32
C CYS A 10 4.21 -0.97 3.01
N ARG A 11 3.38 -1.29 2.02
CA ARG A 11 3.88 -1.73 0.72
C ARG A 11 2.93 -1.31 -0.39
N PRO A 12 3.45 -1.29 -1.63
CA PRO A 12 2.66 -0.91 -2.81
C PRO A 12 1.61 -1.96 -3.17
N LYS A 13 0.44 -1.49 -3.61
CA LYS A 13 -0.65 -2.38 -3.98
C LYS A 13 -0.44 -2.93 -5.39
N PRO A 14 -1.08 -4.07 -5.68
CA PRO A 14 -0.99 -4.73 -6.99
C PRO A 14 -1.69 -3.94 -8.08
N ASN A 15 -2.80 -3.30 -7.72
CA ASN A 15 -3.57 -2.51 -8.67
C ASN A 15 -2.87 -1.19 -8.99
N CYS A 16 -2.10 -0.70 -8.03
CA CYS A 16 -1.37 0.55 -8.20
C CYS A 16 0.13 0.33 -7.99
N GLY A 17 0.63 -0.79 -8.47
CA GLY A 17 2.04 -1.10 -8.34
C GLY A 17 2.68 -1.51 -9.65
N NH2 A 18 2.05 -2.44 -10.35
HN1 NH2 A 18 1.21 -2.82 -9.99
HN2 NH2 A 18 2.40 -2.77 -11.23
N ARG A 1 -4.77 8.74 -2.81
CA ARG A 1 -5.81 8.00 -2.09
C ARG A 1 -5.93 6.58 -2.63
N CYS A 2 -4.79 5.99 -3.00
CA CYS A 2 -4.78 4.63 -3.53
C CYS A 2 -3.93 3.71 -2.66
N LYS A 3 -2.84 4.26 -2.13
CA LYS A 3 -1.92 3.49 -1.28
C LYS A 3 -2.42 3.49 0.16
N THR A 4 -2.79 2.31 0.65
CA THR A 4 -3.28 2.16 2.02
C THR A 4 -2.62 0.98 2.72
N CYS A 5 -2.38 1.12 4.01
CA CYS A 5 -1.76 0.06 4.80
C CYS A 5 -1.81 0.38 6.29
N SER A 6 -1.37 -0.57 7.11
CA SER A 6 -1.37 -0.38 8.56
C SER A 6 -0.05 0.22 9.03
N LYS A 7 -0.01 0.61 10.30
CA LYS A 7 1.19 1.20 10.88
C LYS A 7 2.28 0.14 11.06
N GLY A 8 3.38 0.31 10.33
CA GLY A 8 4.48 -0.64 10.41
C GLY A 8 4.40 -1.72 9.37
N ARG A 9 3.18 -2.03 8.93
CA ARG A 9 2.97 -3.06 7.92
C ARG A 9 2.41 -2.46 6.63
N CYS A 10 3.20 -2.49 5.57
CA CYS A 10 2.79 -1.95 4.28
C CYS A 10 3.37 -2.78 3.14
N ARG A 11 2.70 -2.73 1.99
CA ARG A 11 3.14 -3.46 0.82
C ARG A 11 2.72 -2.76 -0.47
N PRO A 12 3.38 -3.10 -1.58
CA PRO A 12 3.10 -2.51 -2.89
C PRO A 12 1.75 -2.96 -3.44
N LYS A 13 1.06 -2.04 -4.11
CA LYS A 13 -0.25 -2.35 -4.69
C LYS A 13 -0.09 -3.02 -6.05
N PRO A 14 -1.13 -3.75 -6.48
CA PRO A 14 -1.14 -4.46 -7.75
C PRO A 14 -1.20 -3.50 -8.95
N ASN A 15 -2.00 -2.44 -8.81
CA ASN A 15 -2.15 -1.46 -9.87
C ASN A 15 -1.40 -0.17 -9.53
N CYS A 16 -1.28 0.10 -8.23
CA CYS A 16 -0.59 1.30 -7.76
C CYS A 16 0.82 0.98 -7.32
N GLY A 17 1.62 0.45 -8.23
CA GLY A 17 2.99 0.09 -7.92
C GLY A 17 3.81 -0.25 -9.14
N NH2 A 18 4.78 -1.15 -8.98
HN1 NH2 A 18 4.92 -1.54 -8.10
HN2 NH2 A 18 5.35 -1.43 -9.74
N ARG A 1 -1.05 7.87 -6.22
CA ARG A 1 -1.12 7.59 -4.79
C ARG A 1 -1.91 6.32 -4.52
N CYS A 2 -1.33 5.42 -3.72
CA CYS A 2 -1.99 4.17 -3.38
C CYS A 2 -2.86 4.32 -2.14
N LYS A 3 -3.47 3.22 -1.71
CA LYS A 3 -4.33 3.23 -0.53
C LYS A 3 -3.50 3.14 0.74
N THR A 4 -4.13 3.45 1.88
CA THR A 4 -3.45 3.40 3.17
C THR A 4 -3.08 1.97 3.53
N CYS A 5 -2.07 1.82 4.38
CA CYS A 5 -1.62 0.51 4.82
C CYS A 5 -1.68 0.38 6.34
N SER A 6 -1.48 -0.84 6.84
CA SER A 6 -1.52 -1.09 8.27
C SER A 6 -0.31 -0.47 8.97
N LYS A 7 -0.44 -0.23 10.27
CA LYS A 7 0.64 0.36 11.05
C LYS A 7 1.82 -0.60 11.14
N GLY A 8 2.95 -0.19 10.59
CA GLY A 8 4.15 -1.02 10.62
C GLY A 8 4.29 -1.88 9.38
N ARG A 9 3.16 -2.20 8.75
CA ARG A 9 3.16 -3.01 7.54
C ARG A 9 2.67 -2.22 6.34
N CYS A 10 3.55 -2.02 5.36
CA CYS A 10 3.22 -1.27 4.16
C CYS A 10 3.88 -1.88 2.94
N ARG A 11 3.08 -2.15 1.91
CA ARG A 11 3.59 -2.74 0.67
C ARG A 11 2.89 -2.15 -0.54
N PRO A 12 3.53 -2.27 -1.72
CA PRO A 12 2.99 -1.75 -2.97
C PRO A 12 1.77 -2.55 -3.45
N LYS A 13 0.80 -1.85 -4.02
CA LYS A 13 -0.41 -2.49 -4.52
C LYS A 13 -0.18 -3.07 -5.91
N PRO A 14 -1.01 -4.05 -6.29
CA PRO A 14 -0.93 -4.70 -7.60
C PRO A 14 -1.34 -3.78 -8.74
N ASN A 15 -2.30 -2.91 -8.47
CA ASN A 15 -2.79 -1.96 -9.47
C ASN A 15 -1.89 -0.75 -9.56
N CYS A 16 -1.23 -0.41 -8.45
CA CYS A 16 -0.33 0.73 -8.41
C CYS A 16 0.89 0.50 -9.30
N GLY A 17 1.70 1.54 -9.45
CA GLY A 17 2.88 1.43 -10.29
C GLY A 17 2.64 1.92 -11.70
N NH2 A 18 2.36 3.20 -11.84
HN1 NH2 A 18 2.31 3.78 -11.04
HN2 NH2 A 18 2.18 3.60 -12.74
N ARG A 1 -0.34 8.38 -4.91
CA ARG A 1 -0.92 8.10 -3.61
C ARG A 1 -1.92 6.96 -3.69
N CYS A 2 -1.56 5.81 -3.12
CA CYS A 2 -2.42 4.64 -3.13
C CYS A 2 -3.11 4.44 -1.78
N LYS A 3 -3.78 3.31 -1.62
CA LYS A 3 -4.47 3.00 -0.38
C LYS A 3 -3.49 2.92 0.79
N THR A 4 -3.99 3.15 2.00
CA THR A 4 -3.15 3.10 3.19
C THR A 4 -2.94 1.66 3.65
N CYS A 5 -1.87 1.43 4.39
CA CYS A 5 -1.53 0.10 4.89
C CYS A 5 -1.54 0.09 6.42
N SER A 6 -1.35 -1.10 6.99
CA SER A 6 -1.33 -1.25 8.44
C SER A 6 -0.34 -0.28 9.07
N LYS A 7 -0.38 -0.19 10.39
CA LYS A 7 0.52 0.70 11.13
C LYS A 7 1.93 0.14 11.16
N GLY A 8 2.72 0.51 10.16
CA GLY A 8 4.10 0.04 10.09
C GLY A 8 4.30 -0.98 9.00
N ARG A 9 3.23 -1.71 8.66
CA ARG A 9 3.31 -2.72 7.62
C ARG A 9 2.60 -2.26 6.35
N CYS A 10 3.33 -2.26 5.23
CA CYS A 10 2.78 -1.83 3.96
C CYS A 10 3.44 -2.58 2.80
N ARG A 11 2.70 -2.77 1.72
CA ARG A 11 3.21 -3.47 0.55
C ARG A 11 2.75 -2.79 -0.74
N PRO A 12 3.45 -3.06 -1.84
CA PRO A 12 3.14 -2.49 -3.15
C PRO A 12 1.83 -3.05 -3.73
N LYS A 13 1.07 -2.19 -4.40
CA LYS A 13 -0.19 -2.59 -4.99
C LYS A 13 0.03 -3.24 -6.35
N PRO A 14 -0.95 -4.04 -6.79
CA PRO A 14 -0.88 -4.74 -8.09
C PRO A 14 -1.01 -3.79 -9.26
N ASN A 15 -1.92 -2.83 -9.15
CA ASN A 15 -2.13 -1.85 -10.21
C ASN A 15 -1.55 -0.49 -9.83
N CYS A 16 -1.51 -0.23 -8.52
CA CYS A 16 -0.98 1.04 -8.03
C CYS A 16 0.46 0.87 -7.53
N GLY A 17 1.33 0.39 -8.41
CA GLY A 17 2.72 0.19 -8.03
C GLY A 17 3.52 1.47 -8.05
N NH2 A 18 4.30 1.71 -7.00
HN1 NH2 A 18 4.33 1.05 -6.27
HN2 NH2 A 18 4.86 2.53 -6.94
N ARG A 1 -1.81 9.61 -2.44
CA ARG A 1 -1.42 8.54 -1.52
C ARG A 1 -2.19 7.27 -1.81
N CYS A 2 -2.11 6.81 -3.06
CA CYS A 2 -2.80 5.59 -3.47
C CYS A 2 -2.40 4.40 -2.59
N LYS A 3 -1.09 4.21 -2.43
CA LYS A 3 -0.58 3.13 -1.62
C LYS A 3 -0.89 3.34 -0.14
N THR A 4 -1.45 2.32 0.50
CA THR A 4 -1.81 2.40 1.91
C THR A 4 -1.02 1.39 2.74
N CYS A 5 -0.83 1.71 4.01
CA CYS A 5 -0.09 0.82 4.92
C CYS A 5 -1.04 0.03 5.81
N SER A 6 -0.84 -1.27 5.88
CA SER A 6 -1.68 -2.14 6.70
C SER A 6 -0.94 -2.59 7.95
N LYS A 7 -1.59 -2.44 9.10
CA LYS A 7 -0.99 -2.83 10.37
C LYS A 7 0.39 -2.21 10.55
N GLY A 8 0.56 -1.01 9.99
CA GLY A 8 1.84 -0.33 10.10
C GLY A 8 2.75 -0.61 8.92
N ARG A 9 2.57 -1.77 8.31
CA ARG A 9 3.38 -2.17 7.16
C ARG A 9 3.05 -1.31 5.94
N CYS A 10 4.08 -0.71 5.35
CA CYS A 10 3.91 0.13 4.17
C CYS A 10 4.48 -0.55 2.93
N ARG A 11 3.60 -0.86 1.99
CA ARG A 11 4.01 -1.51 0.75
C ARG A 11 3.07 -1.16 -0.40
N PRO A 12 3.56 -1.34 -1.64
CA PRO A 12 2.77 -1.04 -2.85
C PRO A 12 1.61 -2.01 -3.04
N LYS A 13 0.49 -1.49 -3.52
CA LYS A 13 -0.69 -2.32 -3.76
C LYS A 13 -0.56 -3.10 -5.05
N PRO A 14 -1.32 -4.20 -5.16
CA PRO A 14 -1.30 -5.07 -6.35
C PRO A 14 -1.94 -4.39 -7.56
N ASN A 15 -2.95 -3.57 -7.31
CA ASN A 15 -3.64 -2.86 -8.39
C ASN A 15 -3.03 -1.49 -8.61
N CYS A 16 -2.47 -0.91 -7.55
CA CYS A 16 -1.85 0.41 -7.64
C CYS A 16 -0.34 0.32 -7.41
N GLY A 17 0.30 -0.61 -8.12
CA GLY A 17 1.73 -0.78 -7.99
C GLY A 17 2.49 -0.24 -9.17
N NH2 A 18 3.82 -0.23 -9.08
HN1 NH2 A 18 4.24 -0.58 -8.26
HN2 NH2 A 18 4.40 0.11 -9.82
N ARG A 1 -2.44 8.61 -6.42
CA ARG A 1 -3.16 8.55 -5.14
C ARG A 1 -3.53 7.11 -4.80
N CYS A 2 -2.63 6.18 -5.11
CA CYS A 2 -2.86 4.76 -4.84
C CYS A 2 -1.84 4.23 -3.84
N LYS A 3 -1.86 4.77 -2.62
CA LYS A 3 -0.95 4.35 -1.57
C LYS A 3 -1.70 3.85 -0.35
N THR A 4 -1.32 2.66 0.13
CA THR A 4 -1.97 2.06 1.30
C THR A 4 -0.94 1.56 2.30
N CYS A 5 -1.26 1.68 3.58
CA CYS A 5 -0.36 1.22 4.64
C CYS A 5 -1.08 0.29 5.61
N SER A 6 -0.55 -0.91 5.76
CA SER A 6 -1.14 -1.89 6.65
C SER A 6 -0.66 -1.69 8.08
N LYS A 7 -1.27 -2.41 9.02
CA LYS A 7 -0.90 -2.30 10.43
C LYS A 7 0.49 -2.87 10.66
N GLY A 8 1.49 -1.98 10.73
CA GLY A 8 2.85 -2.41 10.95
C GLY A 8 3.65 -2.45 9.67
N ARG A 9 2.98 -2.66 8.55
CA ARG A 9 3.65 -2.73 7.25
C ARG A 9 3.20 -1.57 6.35
N CYS A 10 4.07 -1.18 5.43
CA CYS A 10 3.77 -0.08 4.51
C CYS A 10 4.28 -0.40 3.11
N ARG A 11 3.37 -0.64 2.19
CA ARG A 11 3.73 -0.96 0.81
C ARG A 11 2.60 -0.58 -0.15
N PRO A 12 2.95 -0.43 -1.44
CA PRO A 12 1.98 -0.07 -2.48
C PRO A 12 0.99 -1.19 -2.77
N LYS A 13 -0.26 -0.82 -3.01
CA LYS A 13 -1.30 -1.80 -3.30
C LYS A 13 -0.93 -2.63 -4.52
N PRO A 14 -1.52 -3.84 -4.62
CA PRO A 14 -1.26 -4.76 -5.73
C PRO A 14 -1.87 -4.26 -7.03
N ASN A 15 -3.00 -3.57 -6.94
CA ASN A 15 -3.68 -3.05 -8.10
C ASN A 15 -2.90 -1.89 -8.72
N CYS A 16 -2.14 -1.19 -7.88
CA CYS A 16 -1.34 -0.06 -8.34
C CYS A 16 0.14 -0.28 -8.01
N GLY A 17 0.80 -1.09 -8.83
CA GLY A 17 2.21 -1.36 -8.60
C GLY A 17 3.09 -0.77 -9.70
N NH2 A 18 3.40 -1.58 -10.70
HN1 NH2 A 18 3.05 -2.50 -10.71
HN2 NH2 A 18 3.97 -1.27 -11.46
#